data_2E3P
#
_entry.id   2E3P
#
_cell.length_a   45.976
_cell.length_b   49.699
_cell.length_c   62.365
_cell.angle_alpha   77.72
_cell.angle_beta   71.06
_cell.angle_gamma   82.10
#
_symmetry.space_group_name_H-M   'P 1'
#
loop_
_entity.id
_entity.type
_entity.pdbx_description
1 polymer 'Lipid-transfer protein CERT'
2 non-polymer N-((E,2S,3R)-1,3-DIHYDROXYOCTADEC-4-EN-2-YL)PALMITAMIDE
3 water water
#
_entity_poly.entity_id   1
_entity_poly.type   'polypeptide(L)'
_entity_poly.pdbx_seq_one_letter_code
;SNSLHWPTSLPSGDAFSSVGTHRFVQKVEEMVQNHMTYSLQDVGGDANWQLVVEEGEMKVYRREVEENGIVLDPLKATHA
VKGVTGHEVCNYFWNVDVRNDWETTIENFHVVETLADNAIIIYQTHKRVWPASQRDVLYLSVIRKIPALTENDPETWIVC
NFSVDHDSAPLNNRCVRAKINVAMICQTLVSPPEGNQEISRDNILCKITYVANVNPGGWAPASVLRAVAKREYPKFLKRF
TSYVQEKTAGKPILF
;
_entity_poly.pdbx_strand_id   A,B
#
loop_
_chem_comp.id
_chem_comp.type
_chem_comp.name
_chem_comp.formula
16C non-polymer N-((E,2S,3R)-1,3-DIHYDROXYOCTADEC-4-EN-2-YL)PALMITAMIDE 'C34 H67 N O3'
#
# COMPACT_ATOMS: atom_id res chain seq x y z
N THR A 21 -6.13 -18.98 -14.95
CA THR A 21 -4.83 -19.51 -15.47
C THR A 21 -4.13 -18.58 -16.48
N HIS A 22 -4.74 -17.43 -16.77
CA HIS A 22 -4.05 -16.40 -17.55
C HIS A 22 -2.88 -15.81 -16.74
N ARG A 23 -2.03 -15.03 -17.41
CA ARG A 23 -0.76 -14.58 -16.83
C ARG A 23 -0.89 -13.55 -15.73
N PHE A 24 -2.07 -12.93 -15.61
CA PHE A 24 -2.28 -11.88 -14.61
C PHE A 24 -3.00 -12.38 -13.36
N VAL A 25 -3.22 -13.67 -13.27
CA VAL A 25 -3.98 -14.24 -12.14
C VAL A 25 -3.42 -13.81 -10.76
N GLN A 26 -2.10 -13.89 -10.60
CA GLN A 26 -1.47 -13.49 -9.34
C GLN A 26 -1.67 -12.00 -9.07
N LYS A 27 -1.49 -11.18 -10.11
CA LYS A 27 -1.66 -9.73 -9.95
C LYS A 27 -3.11 -9.40 -9.61
N VAL A 28 -4.04 -10.07 -10.28
CA VAL A 28 -5.48 -9.89 -10.00
C VAL A 28 -5.79 -10.18 -8.53
N GLU A 29 -5.30 -11.32 -8.03
CA GLU A 29 -5.57 -11.70 -6.65
C GLU A 29 -5.00 -10.66 -5.68
N GLU A 30 -3.80 -10.15 -5.98
CA GLU A 30 -3.19 -9.09 -5.17
C GLU A 30 -4.09 -7.85 -5.09
N MET A 31 -4.55 -7.37 -6.25
CA MET A 31 -5.31 -6.12 -6.31
C MET A 31 -6.65 -6.25 -5.66
N VAL A 32 -7.34 -7.35 -5.93
CA VAL A 32 -8.63 -7.62 -5.33
C VAL A 32 -8.53 -7.78 -3.81
N GLN A 33 -7.55 -8.56 -3.34
CA GLN A 33 -7.47 -8.74 -1.90
C GLN A 33 -7.06 -7.46 -1.19
N ASN A 34 -6.24 -6.65 -1.84
CA ASN A 34 -5.90 -5.37 -1.25
C ASN A 34 -7.15 -4.47 -1.08
N HIS A 35 -8.07 -4.52 -2.04
CA HIS A 35 -9.31 -3.74 -1.94
C HIS A 35 -10.20 -4.26 -0.83
N MET A 36 -10.33 -5.57 -0.74
CA MET A 36 -11.15 -6.15 0.32
C MET A 36 -10.59 -5.86 1.72
N THR A 37 -9.26 -5.75 1.82
CA THR A 37 -8.61 -5.39 3.09
C THR A 37 -8.69 -3.91 3.45
N TYR A 38 -8.44 -3.03 2.49
CA TYR A 38 -8.25 -1.61 2.79
C TYR A 38 -9.33 -0.66 2.28
N SER A 39 -10.04 -1.03 1.23
CA SER A 39 -10.99 -0.10 0.60
C SER A 39 -12.35 0.02 1.27
N LEU A 40 -12.70 -0.91 2.16
CA LEU A 40 -13.97 -0.84 2.89
C LEU A 40 -13.91 -0.15 4.26
N GLN A 41 -12.73 0.35 4.63
CA GLN A 41 -12.55 1.00 5.92
C GLN A 41 -13.28 2.36 5.99
N ASP A 42 -13.65 2.77 7.20
CA ASP A 42 -14.41 4.02 7.41
C ASP A 42 -13.61 5.26 7.04
N VAL A 43 -14.24 6.17 6.30
CA VAL A 43 -13.63 7.46 5.97
C VAL A 43 -14.45 8.65 6.49
N GLY A 44 -15.71 8.40 6.82
CA GLY A 44 -16.62 9.42 7.36
C GLY A 44 -16.10 10.07 8.63
N GLY A 45 -15.41 9.28 9.45
CA GLY A 45 -14.81 9.76 10.70
C GLY A 45 -13.30 9.85 10.63
N ASP A 46 -12.79 10.17 9.45
CA ASP A 46 -11.36 10.33 9.24
C ASP A 46 -11.07 11.80 8.93
N ALA A 47 -10.17 12.40 9.69
CA ALA A 47 -9.85 13.82 9.57
C ALA A 47 -9.17 14.19 8.25
N ASN A 48 -8.47 13.22 7.64
CA ASN A 48 -7.78 13.44 6.37
C ASN A 48 -8.74 13.42 5.17
N TRP A 49 -9.89 12.79 5.35
CA TRP A 49 -10.90 12.69 4.30
C TRP A 49 -11.97 13.77 4.43
N GLN A 50 -12.27 14.41 3.30
CA GLN A 50 -13.24 15.49 3.26
C GLN A 50 -14.45 15.10 2.42
N LEU A 51 -15.65 15.37 2.95
CA LEU A 51 -16.88 15.19 2.17
C LEU A 51 -16.92 16.25 1.07
N VAL A 52 -16.95 15.79 -0.18
CA VAL A 52 -17.03 16.65 -1.36
C VAL A 52 -18.49 17.01 -1.62
N VAL A 53 -19.32 15.98 -1.73
CA VAL A 53 -20.74 16.17 -1.92
C VAL A 53 -21.54 15.05 -1.26
N GLU A 54 -22.71 15.41 -0.76
CA GLU A 54 -23.70 14.44 -0.34
C GLU A 54 -24.98 14.77 -1.08
N GLU A 55 -25.52 13.77 -1.77
CA GLU A 55 -26.81 13.91 -2.44
C GLU A 55 -27.57 12.60 -2.32
N GLY A 56 -28.69 12.64 -1.60
CA GLY A 56 -29.46 11.44 -1.32
C GLY A 56 -28.65 10.44 -0.52
N GLU A 57 -28.53 9.22 -1.05
CA GLU A 57 -27.75 8.19 -0.38
C GLU A 57 -26.30 8.17 -0.82
N MET A 58 -25.94 9.07 -1.74
CA MET A 58 -24.57 9.14 -2.26
C MET A 58 -23.70 10.08 -1.44
N LYS A 59 -22.52 9.63 -1.09
CA LYS A 59 -21.56 10.48 -0.39
C LYS A 59 -20.25 10.31 -1.12
N VAL A 60 -19.63 11.44 -1.46
CA VAL A 60 -18.33 11.44 -2.15
C VAL A 60 -17.30 12.14 -1.28
N TYR A 61 -16.21 11.43 -1.00
CA TYR A 61 -15.12 11.93 -0.17
C TYR A 61 -13.83 12.00 -0.97
N ARG A 62 -12.94 12.88 -0.54
CA ARG A 62 -11.62 13.02 -1.16
C ARG A 62 -10.58 13.28 -0.09
N ARG A 63 -9.41 12.68 -0.23
CA ARG A 63 -8.24 13.09 0.55
C ARG A 63 -7.33 13.89 -0.36
N GLU A 64 -7.01 15.12 0.02
CA GLU A 64 -6.12 15.99 -0.75
C GLU A 64 -4.67 15.48 -0.60
N VAL A 65 -4.08 14.98 -1.68
CA VAL A 65 -2.69 14.49 -1.67
C VAL A 65 -2.00 14.96 -2.94
N GLU A 66 -0.93 15.74 -2.79
CA GLU A 66 0.03 15.96 -3.87
C GLU A 66 1.37 15.35 -3.49
N GLU A 67 1.99 14.64 -4.43
CA GLU A 67 3.29 13.98 -4.21
C GLU A 67 4.25 14.46 -5.30
N ASN A 68 5.30 15.20 -4.91
CA ASN A 68 6.24 15.80 -5.87
C ASN A 68 5.54 16.63 -6.95
N GLY A 69 4.50 17.35 -6.53
CA GLY A 69 3.76 18.24 -7.43
C GLY A 69 2.61 17.55 -8.17
N ILE A 70 2.56 16.22 -8.11
CA ILE A 70 1.54 15.45 -8.87
C ILE A 70 0.32 15.23 -7.99
N VAL A 71 -0.86 15.63 -8.45
CA VAL A 71 -2.08 15.48 -7.67
C VAL A 71 -2.56 14.04 -7.74
N LEU A 72 -2.62 13.39 -6.58
CA LEU A 72 -3.03 11.97 -6.49
C LEU A 72 -4.43 11.79 -5.84
N ASP A 73 -4.88 12.79 -5.09
CA ASP A 73 -6.18 12.83 -4.42
C ASP A 73 -7.03 11.55 -4.44
N PRO A 74 -6.77 10.65 -3.48
CA PRO A 74 -7.64 9.48 -3.33
C PRO A 74 -9.10 9.89 -3.25
N LEU A 75 -9.94 9.14 -3.94
CA LEU A 75 -11.37 9.36 -3.91
C LEU A 75 -12.09 8.13 -3.40
N LYS A 76 -13.11 8.35 -2.57
CA LYS A 76 -13.92 7.24 -2.09
C LYS A 76 -15.36 7.68 -2.05
N ALA A 77 -16.24 6.91 -2.68
CA ALA A 77 -17.64 7.22 -2.61
C ALA A 77 -18.43 6.07 -2.06
N THR A 78 -19.55 6.35 -1.42
CA THR A 78 -20.47 5.29 -1.02
C THR A 78 -21.85 5.65 -1.54
N HIS A 79 -22.68 4.64 -1.78
CA HIS A 79 -24.03 4.86 -2.28
C HIS A 79 -24.86 3.67 -1.84
N ALA A 80 -26.17 3.84 -1.77
CA ALA A 80 -27.09 2.74 -1.50
C ALA A 80 -28.20 2.84 -2.54
N VAL A 81 -28.22 1.88 -3.46
CA VAL A 81 -29.06 1.97 -4.64
C VAL A 81 -30.19 0.95 -4.52
N LYS A 82 -31.41 1.47 -4.39
CA LYS A 82 -32.61 0.63 -4.27
C LYS A 82 -32.86 -0.14 -5.55
N GLY A 83 -33.20 -1.43 -5.41
CA GLY A 83 -33.79 -2.17 -6.53
C GLY A 83 -32.86 -2.90 -7.47
N VAL A 84 -31.59 -2.95 -7.12
CA VAL A 84 -30.60 -3.61 -7.97
C VAL A 84 -29.73 -4.48 -7.08
N THR A 85 -29.09 -5.50 -7.65
CA THR A 85 -28.17 -6.29 -6.84
C THR A 85 -26.72 -5.95 -7.16
N GLY A 86 -25.81 -6.38 -6.29
CA GLY A 86 -24.39 -6.20 -6.54
C GLY A 86 -23.91 -6.90 -7.81
N HIS A 87 -24.46 -8.08 -8.05
CA HIS A 87 -24.11 -8.79 -9.25
C HIS A 87 -24.50 -7.96 -10.50
N GLU A 88 -25.71 -7.36 -10.46
CA GLU A 88 -26.17 -6.53 -11.57
C GLU A 88 -25.31 -5.28 -11.72
N VAL A 89 -25.08 -4.56 -10.62
CA VAL A 89 -24.27 -3.34 -10.68
C VAL A 89 -22.90 -3.64 -11.27
N CYS A 90 -22.23 -4.69 -10.80
CA CYS A 90 -20.92 -5.05 -11.31
C CYS A 90 -20.92 -5.46 -12.78
N ASN A 91 -21.92 -6.25 -13.18
CA ASN A 91 -22.07 -6.63 -14.57
C ASN A 91 -22.10 -5.41 -15.48
N TYR A 92 -22.94 -4.43 -15.13
CA TYR A 92 -23.07 -3.22 -15.93
C TYR A 92 -21.82 -2.35 -15.91
N PHE A 93 -21.14 -2.32 -14.77
CA PHE A 93 -19.91 -1.52 -14.66
C PHE A 93 -18.79 -2.12 -15.50
N TRP A 94 -18.77 -3.45 -15.58
CA TRP A 94 -17.72 -4.20 -16.28
C TRP A 94 -17.97 -4.37 -17.78
N ASN A 95 -19.24 -4.51 -18.15
CA ASN A 95 -19.60 -4.88 -19.51
C ASN A 95 -19.30 -3.75 -20.51
N VAL A 96 -18.28 -3.95 -21.35
CA VAL A 96 -17.92 -2.95 -22.36
C VAL A 96 -19.02 -2.64 -23.39
N ASP A 97 -19.98 -3.56 -23.54
CA ASP A 97 -21.05 -3.37 -24.53
C ASP A 97 -22.02 -2.27 -24.16
N VAL A 98 -22.10 -1.94 -22.87
CA VAL A 98 -22.95 -0.83 -22.43
C VAL A 98 -22.17 0.42 -21.95
N ARG A 99 -20.84 0.40 -22.11
CA ARG A 99 -20.00 1.45 -21.57
C ARG A 99 -20.43 2.83 -22.08
N ASN A 100 -20.68 2.95 -23.37
CA ASN A 100 -20.99 4.24 -23.96
C ASN A 100 -22.36 4.77 -23.56
N ASP A 101 -23.21 3.90 -23.01
CA ASP A 101 -24.52 4.30 -22.52
C ASP A 101 -24.45 5.14 -21.25
N TRP A 102 -23.36 5.02 -20.50
CA TRP A 102 -23.23 5.77 -19.23
C TRP A 102 -21.96 6.59 -19.06
N GLU A 103 -20.85 6.16 -19.66
CA GLU A 103 -19.56 6.83 -19.48
C GLU A 103 -19.51 8.08 -20.35
N THR A 104 -19.02 9.19 -19.77
CA THR A 104 -19.01 10.47 -20.49
C THR A 104 -17.64 11.15 -20.48
N THR A 105 -16.61 10.47 -19.99
CA THR A 105 -15.27 11.08 -19.88
C THR A 105 -14.28 10.54 -20.92
N ILE A 106 -14.76 9.68 -21.80
CA ILE A 106 -13.93 9.02 -22.79
C ILE A 106 -14.12 9.58 -24.20
N GLU A 107 -13.04 9.62 -24.97
CA GLU A 107 -13.10 9.90 -26.40
C GLU A 107 -13.25 8.62 -27.22
N ASN A 108 -12.46 7.61 -26.87
CA ASN A 108 -12.37 6.38 -27.64
C ASN A 108 -11.89 5.27 -26.73
N PHE A 109 -12.29 4.02 -27.01
CA PHE A 109 -11.70 2.87 -26.30
C PHE A 109 -11.85 1.59 -27.10
N HIS A 110 -11.01 0.62 -26.78
CA HIS A 110 -11.16 -0.72 -27.33
C HIS A 110 -10.62 -1.78 -26.37
N VAL A 111 -11.13 -2.99 -26.50
CA VAL A 111 -10.57 -4.14 -25.78
C VAL A 111 -9.30 -4.60 -26.48
N VAL A 112 -8.18 -4.57 -25.76
CA VAL A 112 -6.86 -4.93 -26.30
C VAL A 112 -6.68 -6.46 -26.30
N GLU A 113 -7.24 -7.10 -25.28
CA GLU A 113 -7.12 -8.55 -25.09
C GLU A 113 -8.18 -9.08 -24.13
N THR A 114 -8.66 -10.29 -24.42
CA THR A 114 -9.52 -11.00 -23.49
C THR A 114 -8.65 -12.05 -22.82
N LEU A 115 -8.62 -11.99 -21.49
CA LEU A 115 -7.79 -12.90 -20.71
C LEU A 115 -8.59 -14.10 -20.22
N ALA A 116 -9.86 -13.85 -19.92
CA ALA A 116 -10.74 -14.87 -19.36
C ALA A 116 -12.16 -14.33 -19.50
N ASP A 117 -13.15 -15.16 -19.18
CA ASP A 117 -14.52 -14.71 -19.27
C ASP A 117 -14.81 -13.50 -18.37
N ASN A 118 -13.96 -13.31 -17.36
CA ASN A 118 -14.18 -12.24 -16.36
C ASN A 118 -13.10 -11.17 -16.34
N ALA A 119 -12.20 -11.23 -17.32
CA ALA A 119 -11.03 -10.35 -17.30
C ALA A 119 -10.59 -9.93 -18.68
N ILE A 120 -10.45 -8.62 -18.88
CA ILE A 120 -10.06 -8.04 -20.16
C ILE A 120 -9.08 -6.90 -19.93
N ILE A 121 -8.37 -6.52 -20.97
CA ILE A 121 -7.48 -5.35 -20.93
C ILE A 121 -8.02 -4.36 -21.93
N ILE A 122 -8.15 -3.12 -21.48
CA ILE A 122 -8.80 -2.06 -22.26
C ILE A 122 -7.84 -0.90 -22.40
N TYR A 123 -7.81 -0.33 -23.59
CA TYR A 123 -7.10 0.92 -23.87
C TYR A 123 -8.16 1.99 -24.08
N GLN A 124 -7.99 3.14 -23.44
CA GLN A 124 -8.92 4.22 -23.71
C GLN A 124 -8.27 5.59 -23.63
N THR A 125 -8.84 6.54 -24.37
CA THR A 125 -8.36 7.92 -24.34
C THR A 125 -9.46 8.73 -23.72
N HIS A 126 -9.05 9.69 -22.90
CA HIS A 126 -9.99 10.55 -22.24
C HIS A 126 -10.14 11.89 -22.93
N LYS A 127 -11.30 12.50 -22.70
CA LYS A 127 -11.52 13.87 -23.13
C LYS A 127 -10.37 14.74 -22.63
N ARG A 128 -9.90 15.62 -23.49
CA ARG A 128 -8.83 16.53 -23.11
C ARG A 128 -9.35 17.69 -22.25
N VAL A 129 -8.59 18.01 -21.22
CA VAL A 129 -8.89 19.13 -20.33
C VAL A 129 -7.73 20.12 -20.39
N TRP A 130 -8.01 21.27 -21.00
CA TRP A 130 -7.06 22.35 -21.15
C TRP A 130 -6.60 22.79 -19.76
N PRO A 131 -5.31 23.15 -19.59
CA PRO A 131 -4.23 23.22 -20.56
C PRO A 131 -3.38 21.98 -20.65
N ALA A 132 -3.77 20.91 -19.96
CA ALA A 132 -2.92 19.74 -19.88
C ALA A 132 -3.06 18.89 -21.13
N SER A 133 -2.06 18.06 -21.39
CA SER A 133 -2.14 17.05 -22.46
C SER A 133 -3.28 16.08 -22.23
N GLN A 134 -3.84 15.56 -23.31
CA GLN A 134 -4.78 14.46 -23.24
C GLN A 134 -4.18 13.27 -22.50
N ARG A 135 -5.01 12.61 -21.69
CA ARG A 135 -4.57 11.38 -21.01
C ARG A 135 -5.11 10.14 -21.67
N ASP A 136 -4.31 9.08 -21.66
CA ASP A 136 -4.81 7.76 -22.02
C ASP A 136 -4.55 6.80 -20.86
N VAL A 137 -5.21 5.66 -20.90
CA VAL A 137 -5.08 4.68 -19.82
C VAL A 137 -5.15 3.28 -20.43
N LEU A 138 -4.40 2.36 -19.82
CA LEU A 138 -4.35 0.96 -20.26
C LEU A 138 -4.50 0.09 -19.02
N TYR A 139 -5.64 -0.58 -18.88
CA TYR A 139 -5.91 -1.27 -17.64
C TYR A 139 -6.53 -2.64 -17.80
N LEU A 140 -6.29 -3.47 -16.79
CA LEU A 140 -6.97 -4.73 -16.72
C LEU A 140 -8.27 -4.49 -15.97
N SER A 141 -9.39 -5.00 -16.50
CA SER A 141 -10.66 -4.88 -15.82
C SER A 141 -11.18 -6.26 -15.52
N VAL A 142 -11.33 -6.56 -14.23
CA VAL A 142 -11.73 -7.89 -13.77
C VAL A 142 -12.97 -7.80 -12.90
N ILE A 143 -13.88 -8.74 -13.09
CA ILE A 143 -15.09 -8.86 -12.27
C ILE A 143 -15.04 -10.16 -11.50
N ARG A 144 -15.22 -10.06 -10.20
CA ARG A 144 -15.10 -11.22 -9.30
C ARG A 144 -16.17 -11.28 -8.23
N LYS A 145 -16.65 -12.50 -7.98
CA LYS A 145 -17.52 -12.77 -6.85
C LYS A 145 -16.67 -13.26 -5.69
N ILE A 146 -16.83 -12.61 -4.55
CA ILE A 146 -16.20 -13.01 -3.30
C ILE A 146 -17.26 -13.64 -2.38
N PRO A 147 -17.27 -14.99 -2.30
CA PRO A 147 -18.19 -15.68 -1.38
C PRO A 147 -18.08 -15.21 0.07
N ALA A 148 -19.20 -15.27 0.79
CA ALA A 148 -19.14 -15.10 2.24
C ALA A 148 -18.59 -16.39 2.83
N LEU A 149 -18.47 -16.44 4.16
CA LEU A 149 -18.03 -17.66 4.85
C LEU A 149 -18.88 -18.88 4.50
N THR A 150 -20.21 -18.68 4.43
CA THR A 150 -21.12 -19.69 3.88
C THR A 150 -22.24 -19.00 3.11
N GLU A 151 -23.03 -19.79 2.40
CA GLU A 151 -24.11 -19.26 1.56
C GLU A 151 -25.31 -18.75 2.35
N ASN A 152 -25.21 -18.81 3.68
CA ASN A 152 -26.19 -18.17 4.56
C ASN A 152 -26.22 -16.64 4.33
N ASP A 153 -25.09 -16.11 3.87
CA ASP A 153 -24.90 -14.67 3.70
C ASP A 153 -24.57 -14.33 2.24
N PRO A 154 -24.83 -13.07 1.83
CA PRO A 154 -24.54 -12.64 0.47
C PRO A 154 -23.05 -12.48 0.15
N GLU A 155 -22.68 -12.97 -1.03
CA GLU A 155 -21.37 -12.70 -1.62
C GLU A 155 -21.21 -11.19 -1.90
N THR A 156 -19.95 -10.74 -1.95
CA THR A 156 -19.63 -9.40 -2.42
C THR A 156 -19.20 -9.51 -3.88
N TRP A 157 -19.56 -8.53 -4.69
CA TRP A 157 -19.07 -8.45 -6.05
C TRP A 157 -18.14 -7.27 -6.14
N ILE A 158 -17.07 -7.46 -6.88
CA ILE A 158 -16.11 -6.40 -7.07
C ILE A 158 -15.67 -6.33 -8.52
N VAL A 159 -15.60 -5.11 -9.06
CA VAL A 159 -14.88 -4.91 -10.33
C VAL A 159 -13.64 -4.09 -10.01
N CYS A 160 -12.47 -4.56 -10.45
CA CYS A 160 -11.26 -3.80 -10.27
C CYS A 160 -10.66 -3.45 -11.62
N ASN A 161 -10.34 -2.15 -11.81
CA ASN A 161 -9.68 -1.65 -13.03
C ASN A 161 -8.31 -1.15 -12.59
N PHE A 162 -7.23 -1.76 -13.08
CA PHE A 162 -5.90 -1.32 -12.67
C PHE A 162 -4.92 -1.32 -13.84
N SER A 163 -4.06 -0.32 -13.89
CA SER A 163 -3.15 -0.19 -15.01
C SER A 163 -2.21 -1.38 -15.14
N VAL A 164 -2.05 -1.84 -16.39
CA VAL A 164 -1.08 -2.88 -16.76
C VAL A 164 -0.33 -2.43 -18.01
N ASP A 165 0.74 -3.14 -18.35
CA ASP A 165 1.48 -2.88 -19.58
C ASP A 165 1.10 -3.92 -20.65
N HIS A 166 1.15 -3.50 -21.91
CA HIS A 166 0.81 -4.40 -23.00
C HIS A 166 1.45 -3.94 -24.30
N ASP A 167 2.13 -4.86 -24.97
CA ASP A 167 2.86 -4.58 -26.23
C ASP A 167 2.03 -3.93 -27.34
N SER A 168 0.73 -4.20 -27.35
CA SER A 168 -0.16 -3.67 -28.37
C SER A 168 -0.58 -2.23 -28.09
N ALA A 169 -0.20 -1.71 -26.92
CA ALA A 169 -0.50 -0.34 -26.53
C ALA A 169 0.68 0.28 -25.79
N PRO A 170 1.78 0.55 -26.50
CA PRO A 170 2.95 1.10 -25.81
C PRO A 170 2.71 2.55 -25.42
N LEU A 171 3.56 3.08 -24.54
CA LEU A 171 3.58 4.51 -24.27
C LEU A 171 3.72 5.23 -25.59
N ASN A 172 3.05 6.36 -25.73
CA ASN A 172 3.17 7.14 -26.96
C ASN A 172 3.40 8.61 -26.64
N ASN A 173 3.63 9.39 -27.69
CA ASN A 173 3.93 10.81 -27.57
C ASN A 173 2.71 11.69 -27.73
N ARG A 174 1.54 11.09 -27.96
CA ARG A 174 0.32 11.86 -28.19
C ARG A 174 -0.44 12.15 -26.89
N CYS A 175 -0.40 11.19 -25.97
CA CYS A 175 -1.09 11.28 -24.70
C CYS A 175 -0.13 11.02 -23.58
N VAL A 176 -0.42 11.57 -22.41
CA VAL A 176 0.30 11.18 -21.21
C VAL A 176 -0.43 9.99 -20.57
N ARG A 177 0.33 8.94 -20.24
CA ARG A 177 -0.27 7.71 -19.73
C ARG A 177 -0.61 7.84 -18.22
N ALA A 178 -1.89 7.91 -17.89
CA ALA A 178 -2.32 7.93 -16.51
C ALA A 178 -2.21 6.52 -15.93
N LYS A 179 -2.07 6.41 -14.61
CA LYS A 179 -2.04 5.11 -13.94
C LYS A 179 -3.16 5.04 -12.93
N ILE A 180 -3.98 4.01 -13.02
CA ILE A 180 -5.19 3.93 -12.19
C ILE A 180 -5.28 2.67 -11.33
N ASN A 181 -5.96 2.81 -10.20
CA ASN A 181 -6.41 1.67 -9.46
C ASN A 181 -7.81 2.05 -8.98
N VAL A 182 -8.82 1.46 -9.62
CA VAL A 182 -10.21 1.79 -9.36
C VAL A 182 -10.96 0.52 -8.95
N ALA A 183 -11.87 0.64 -8.00
CA ALA A 183 -12.70 -0.51 -7.66
C ALA A 183 -14.11 -0.10 -7.36
N MET A 184 -15.04 -0.95 -7.78
CA MET A 184 -16.42 -0.81 -7.41
C MET A 184 -16.78 -2.09 -6.65
N ILE A 185 -17.15 -1.91 -5.38
CA ILE A 185 -17.35 -3.01 -4.46
C ILE A 185 -18.81 -2.96 -3.98
N CYS A 186 -19.53 -4.06 -4.20
CA CYS A 186 -20.98 -4.07 -4.06
C CYS A 186 -21.46 -5.16 -3.13
N GLN A 187 -22.18 -4.76 -2.09
CA GLN A 187 -22.82 -5.70 -1.19
C GLN A 187 -24.33 -5.56 -1.32
N THR A 188 -25.04 -6.67 -1.23
CA THR A 188 -26.46 -6.69 -1.54
C THR A 188 -27.21 -6.96 -0.25
N LEU A 189 -28.22 -6.15 0.04
CA LEU A 189 -29.02 -6.36 1.24
C LEU A 189 -30.46 -6.62 0.83
N VAL A 190 -31.03 -7.68 1.41
CA VAL A 190 -32.42 -8.02 1.16
C VAL A 190 -33.23 -7.98 2.48
N SER A 191 -34.44 -7.43 2.38
CA SER A 191 -35.43 -7.55 3.44
C SER A 191 -36.35 -8.68 2.98
N PRO A 192 -36.11 -9.92 3.47
CA PRO A 192 -36.85 -11.08 2.96
C PRO A 192 -38.37 -10.98 3.18
N PRO A 193 -39.17 -11.40 2.18
CA PRO A 193 -40.60 -11.32 2.35
C PRO A 193 -41.13 -12.46 3.21
N GLU A 194 -42.40 -12.34 3.57
CA GLU A 194 -43.08 -13.30 4.44
C GLU A 194 -43.31 -14.62 3.71
N GLY A 195 -43.25 -15.72 4.46
CA GLY A 195 -43.63 -17.03 3.94
C GLY A 195 -43.02 -17.44 2.61
N ASN A 196 -43.88 -17.86 1.69
CA ASN A 196 -43.50 -18.41 0.39
C ASN A 196 -43.38 -17.39 -0.75
N GLN A 197 -43.47 -16.10 -0.41
CA GLN A 197 -43.50 -15.01 -1.39
C GLN A 197 -42.19 -14.80 -2.14
N GLU A 198 -42.31 -14.22 -3.33
CA GLU A 198 -41.17 -13.87 -4.18
C GLU A 198 -40.54 -12.57 -3.68
N ILE A 199 -39.24 -12.45 -3.89
CA ILE A 199 -38.51 -11.22 -3.59
C ILE A 199 -38.78 -10.19 -4.69
N SER A 200 -39.19 -8.99 -4.28
CA SER A 200 -39.37 -7.86 -5.18
C SER A 200 -38.17 -6.94 -5.13
N ARG A 201 -37.91 -6.22 -6.22
CA ARG A 201 -36.87 -5.21 -6.23
C ARG A 201 -37.02 -4.11 -5.16
N ASP A 202 -38.25 -3.86 -4.70
CA ASP A 202 -38.50 -2.85 -3.67
C ASP A 202 -37.85 -3.20 -2.34
N ASN A 203 -37.50 -4.45 -2.16
CA ASN A 203 -36.94 -4.89 -0.88
C ASN A 203 -35.47 -5.28 -0.97
N ILE A 204 -34.83 -4.88 -2.07
CA ILE A 204 -33.39 -5.07 -2.23
C ILE A 204 -32.67 -3.72 -2.28
N LEU A 205 -31.48 -3.68 -1.69
CA LEU A 205 -30.66 -2.50 -1.70
C LEU A 205 -29.23 -2.95 -2.04
N CYS A 206 -28.54 -2.20 -2.88
CA CYS A 206 -27.15 -2.49 -3.19
C CYS A 206 -26.29 -1.39 -2.56
N LYS A 207 -25.42 -1.76 -1.64
CA LYS A 207 -24.50 -0.82 -1.03
C LYS A 207 -23.19 -0.86 -1.80
N ILE A 208 -22.83 0.30 -2.33
CA ILE A 208 -21.67 0.42 -3.21
C ILE A 208 -20.60 1.22 -2.52
N THR A 209 -19.37 0.71 -2.58
CA THR A 209 -18.20 1.51 -2.25
C THR A 209 -17.39 1.62 -3.54
N TYR A 210 -17.10 2.84 -3.97
CA TYR A 210 -16.34 3.08 -5.19
C TYR A 210 -15.07 3.82 -4.80
N VAL A 211 -13.91 3.30 -5.22
CA VAL A 211 -12.65 3.95 -4.87
C VAL A 211 -11.84 4.19 -6.13
N ALA A 212 -11.27 5.38 -6.26
CA ALA A 212 -10.43 5.71 -7.40
C ALA A 212 -9.14 6.33 -6.93
N ASN A 213 -8.04 5.66 -7.27
CA ASN A 213 -6.73 6.26 -7.06
C ASN A 213 -6.08 6.45 -8.40
N VAL A 214 -6.03 7.70 -8.87
CA VAL A 214 -5.58 8.00 -10.22
C VAL A 214 -4.30 8.82 -10.14
N ASN A 215 -3.25 8.35 -10.80
CA ASN A 215 -2.06 9.16 -11.00
C ASN A 215 -2.14 9.70 -12.42
N PRO A 216 -2.24 11.04 -12.57
CA PRO A 216 -2.41 11.61 -13.91
C PRO A 216 -1.24 11.36 -14.88
N GLY A 217 -0.16 10.75 -14.37
CA GLY A 217 0.92 10.26 -15.23
C GLY A 217 1.98 11.27 -15.61
N GLY A 218 1.82 12.49 -15.10
CA GLY A 218 2.72 13.57 -15.45
C GLY A 218 2.09 14.79 -14.86
N TRP A 219 2.73 15.94 -15.06
CA TRP A 219 2.27 17.16 -14.44
C TRP A 219 0.91 17.61 -14.99
N ALA A 220 0.08 18.12 -14.09
CA ALA A 220 -1.17 18.73 -14.45
C ALA A 220 -1.44 19.78 -13.39
N PRO A 221 -2.10 20.90 -13.77
CA PRO A 221 -2.38 21.92 -12.76
C PRO A 221 -3.39 21.45 -11.74
N ALA A 222 -3.05 21.62 -10.47
CA ALA A 222 -3.86 21.10 -9.38
C ALA A 222 -5.26 21.68 -9.33
N SER A 223 -5.38 22.98 -9.54
CA SER A 223 -6.69 23.61 -9.38
C SER A 223 -7.65 23.11 -10.44
N VAL A 224 -7.12 22.90 -11.64
CA VAL A 224 -7.90 22.44 -12.80
C VAL A 224 -8.37 21.02 -12.56
N LEU A 225 -7.43 20.13 -12.26
CA LEU A 225 -7.73 18.72 -11.99
C LEU A 225 -8.74 18.54 -10.89
N ARG A 226 -8.57 19.30 -9.82
CA ARG A 226 -9.43 19.16 -8.65
C ARG A 226 -10.84 19.59 -8.92
N ALA A 227 -11.02 20.62 -9.74
CA ALA A 227 -12.38 21.06 -10.05
C ALA A 227 -13.09 20.04 -10.95
N VAL A 228 -12.34 19.45 -11.87
CA VAL A 228 -12.90 18.45 -12.77
C VAL A 228 -13.30 17.19 -11.98
N ALA A 229 -12.45 16.73 -11.08
CA ALA A 229 -12.77 15.53 -10.29
C ALA A 229 -14.02 15.78 -9.44
N LYS A 230 -14.09 16.97 -8.85
CA LYS A 230 -15.17 17.30 -7.95
C LYS A 230 -16.51 17.31 -8.70
N ARG A 231 -16.45 17.65 -9.98
CA ARG A 231 -17.64 17.67 -10.82
C ARG A 231 -17.95 16.26 -11.36
N GLU A 232 -16.94 15.59 -11.90
CA GLU A 232 -17.13 14.37 -12.69
C GLU A 232 -17.44 13.10 -11.89
N TYR A 233 -16.85 12.97 -10.71
CA TYR A 233 -17.08 11.76 -9.92
C TYR A 233 -18.54 11.61 -9.48
N PRO A 234 -19.12 12.64 -8.85
CA PRO A 234 -20.55 12.48 -8.52
C PRO A 234 -21.48 12.41 -9.73
N LYS A 235 -21.17 13.14 -10.79
CA LYS A 235 -21.93 13.02 -12.05
C LYS A 235 -21.96 11.57 -12.53
N PHE A 236 -20.80 10.91 -12.46
CA PHE A 236 -20.66 9.52 -12.91
C PHE A 236 -21.49 8.61 -12.01
N LEU A 237 -21.33 8.75 -10.70
CA LEU A 237 -22.00 7.84 -9.77
C LEU A 237 -23.52 7.92 -9.86
N LYS A 238 -24.03 9.15 -10.00
CA LYS A 238 -25.47 9.36 -10.19
C LYS A 238 -25.95 8.78 -11.51
N ARG A 239 -25.22 9.07 -12.59
CA ARG A 239 -25.61 8.65 -13.93
C ARG A 239 -25.52 7.14 -14.10
N PHE A 240 -24.41 6.56 -13.62
CA PHE A 240 -24.24 5.12 -13.74
C PHE A 240 -25.27 4.33 -12.92
N THR A 241 -25.48 4.70 -11.67
CA THR A 241 -26.42 3.95 -10.80
C THR A 241 -27.86 4.07 -11.29
N SER A 242 -28.23 5.24 -11.79
CA SER A 242 -29.55 5.44 -12.42
C SER A 242 -29.73 4.58 -13.66
N TYR A 243 -28.68 4.51 -14.47
CA TYR A 243 -28.68 3.66 -15.66
C TYR A 243 -28.99 2.20 -15.30
N VAL A 244 -28.31 1.68 -14.27
CA VAL A 244 -28.53 0.29 -13.88
C VAL A 244 -29.96 0.09 -13.39
N GLN A 245 -30.44 1.03 -12.58
CA GLN A 245 -31.83 1.01 -12.13
C GLN A 245 -32.79 0.95 -13.31
N GLU A 246 -32.58 1.81 -14.30
CA GLU A 246 -33.44 1.85 -15.48
C GLU A 246 -33.43 0.54 -16.29
N LYS A 247 -32.25 -0.02 -16.54
CA LYS A 247 -32.14 -1.19 -17.41
C LYS A 247 -32.56 -2.50 -16.74
N THR A 248 -32.46 -2.56 -15.42
CA THR A 248 -32.85 -3.78 -14.69
C THR A 248 -34.33 -3.81 -14.36
N ALA A 249 -35.00 -2.66 -14.36
CA ALA A 249 -36.45 -2.63 -14.09
C ALA A 249 -37.21 -3.52 -15.07
N GLY A 250 -38.05 -4.38 -14.54
CA GLY A 250 -38.86 -5.27 -15.36
C GLY A 250 -38.16 -6.53 -15.82
N LYS A 251 -36.87 -6.66 -15.46
CA LYS A 251 -36.12 -7.87 -15.74
C LYS A 251 -36.06 -8.71 -14.45
N PRO A 252 -35.99 -10.04 -14.61
CA PRO A 252 -35.89 -10.88 -13.42
C PRO A 252 -34.60 -10.54 -12.68
N ILE A 253 -34.63 -10.67 -11.35
CA ILE A 253 -33.48 -10.28 -10.55
C ILE A 253 -32.34 -11.28 -10.70
N LEU A 254 -31.15 -10.76 -11.00
CA LEU A 254 -29.95 -11.56 -11.06
C LEU A 254 -29.15 -11.35 -9.79
N PHE A 255 -29.26 -12.31 -8.87
CA PHE A 255 -28.52 -12.27 -7.62
C PHE A 255 -27.07 -12.70 -7.79
N HIS B 22 -1.45 -11.63 22.19
CA HIS B 22 -1.54 -10.19 22.58
C HIS B 22 -2.39 -9.40 21.58
N ARG B 23 -2.73 -8.16 21.93
CA ARG B 23 -3.70 -7.39 21.15
C ARG B 23 -3.24 -6.92 19.76
N PHE B 24 -1.94 -7.02 19.50
CA PHE B 24 -1.38 -6.57 18.22
C PHE B 24 -1.04 -7.72 17.28
N VAL B 25 -1.46 -8.94 17.61
CA VAL B 25 -1.11 -10.09 16.78
C VAL B 25 -1.52 -9.89 15.30
N GLN B 26 -2.78 -9.50 15.08
CA GLN B 26 -3.28 -9.28 13.72
C GLN B 26 -2.54 -8.14 13.00
N LYS B 27 -2.28 -7.05 13.72
CA LYS B 27 -1.56 -5.92 13.14
C LYS B 27 -0.13 -6.33 12.77
N VAL B 28 0.53 -7.05 13.67
CA VAL B 28 1.89 -7.56 13.39
C VAL B 28 1.90 -8.40 12.11
N GLU B 29 0.97 -9.35 11.99
CA GLU B 29 0.94 -10.20 10.80
C GLU B 29 0.70 -9.38 9.52
N GLU B 30 -0.14 -8.34 9.59
CA GLU B 30 -0.34 -7.45 8.43
C GLU B 30 0.97 -6.75 8.02
N MET B 31 1.68 -6.19 8.99
CA MET B 31 2.91 -5.46 8.71
C MET B 31 4.03 -6.36 8.18
N VAL B 32 4.19 -7.53 8.79
CA VAL B 32 5.22 -8.49 8.40
C VAL B 32 4.95 -9.01 6.98
N GLN B 33 3.70 -9.39 6.73
CA GLN B 33 3.36 -9.92 5.42
C GLN B 33 3.50 -8.86 4.30
N ASN B 34 3.11 -7.61 4.57
CA ASN B 34 3.32 -6.56 3.59
C ASN B 34 4.80 -6.37 3.27
N HIS B 35 5.67 -6.42 4.29
CA HIS B 35 7.10 -6.38 4.03
C HIS B 35 7.61 -7.56 3.23
N MET B 36 7.18 -8.77 3.57
CA MET B 36 7.65 -9.94 2.81
C MET B 36 7.19 -9.91 1.36
N THR B 37 6.02 -9.31 1.12
CA THR B 37 5.45 -9.19 -0.23
C THR B 37 6.09 -8.08 -1.05
N TYR B 38 6.26 -6.91 -0.45
CA TYR B 38 6.66 -5.71 -1.20
C TYR B 38 8.09 -5.27 -1.03
N SER B 39 8.67 -5.49 0.15
CA SER B 39 10.00 -4.92 0.41
C SER B 39 11.14 -5.69 -0.26
N LEU B 40 10.89 -6.94 -0.66
CA LEU B 40 11.91 -7.73 -1.35
C LEU B 40 11.83 -7.62 -2.87
N GLN B 41 10.80 -6.94 -3.37
CA GLN B 41 10.68 -6.70 -4.81
C GLN B 41 11.72 -5.69 -5.25
N ASP B 42 12.53 -6.07 -6.24
CA ASP B 42 13.54 -5.15 -6.77
C ASP B 42 12.86 -4.02 -7.50
N VAL B 43 13.28 -2.79 -7.21
CA VAL B 43 12.67 -1.63 -7.85
C VAL B 43 13.69 -0.80 -8.67
N GLY B 44 14.80 -1.44 -9.05
CA GLY B 44 15.87 -0.79 -9.83
C GLY B 44 15.50 -0.27 -11.22
N GLY B 45 14.44 -0.83 -11.81
CA GLY B 45 13.90 -0.33 -13.08
C GLY B 45 13.33 1.07 -13.02
N ASP B 46 13.00 1.54 -11.82
CA ASP B 46 12.47 2.88 -11.61
C ASP B 46 13.62 3.86 -11.38
N ALA B 47 13.83 4.80 -12.30
CA ALA B 47 14.95 5.75 -12.22
C ALA B 47 14.87 6.69 -11.01
N ASN B 48 13.65 6.88 -10.49
CA ASN B 48 13.41 7.68 -9.29
C ASN B 48 13.98 7.06 -8.01
N TRP B 49 14.22 5.76 -8.04
CA TRP B 49 14.96 5.09 -6.97
C TRP B 49 16.45 5.20 -7.24
N GLN B 50 17.08 6.23 -6.69
CA GLN B 50 18.48 6.50 -7.00
C GLN B 50 19.42 5.87 -6.00
N LEU B 51 20.51 5.32 -6.50
CA LEU B 51 21.59 4.85 -5.65
C LEU B 51 22.32 6.08 -5.14
N VAL B 52 22.25 6.31 -3.84
CA VAL B 52 22.82 7.51 -3.28
C VAL B 52 24.16 7.28 -2.58
N VAL B 53 24.37 6.07 -2.05
CA VAL B 53 25.62 5.72 -1.38
C VAL B 53 25.94 4.27 -1.72
N GLU B 54 27.20 4.01 -2.08
CA GLU B 54 27.63 2.64 -2.30
C GLU B 54 29.05 2.49 -1.78
N GLU B 55 29.24 1.51 -0.91
CA GLU B 55 30.56 1.21 -0.37
C GLU B 55 30.68 -0.29 -0.15
N GLY B 56 31.58 -0.94 -0.87
CA GLY B 56 31.73 -2.38 -0.77
C GLY B 56 30.42 -3.01 -1.17
N GLU B 57 29.92 -3.94 -0.35
CA GLU B 57 28.67 -4.64 -0.63
C GLU B 57 27.41 -3.86 -0.19
N MET B 58 27.60 -2.69 0.40
CA MET B 58 26.47 -1.91 0.89
C MET B 58 25.98 -0.95 -0.20
N LYS B 59 24.68 -0.99 -0.48
CA LYS B 59 24.08 -0.07 -1.44
C LYS B 59 22.87 0.57 -0.76
N VAL B 60 22.79 1.89 -0.82
CA VAL B 60 21.67 2.63 -0.21
C VAL B 60 20.96 3.42 -1.30
N TYR B 61 19.66 3.15 -1.45
CA TYR B 61 18.79 3.80 -2.42
C TYR B 61 17.76 4.67 -1.71
N ARG B 62 17.33 5.72 -2.39
CA ARG B 62 16.32 6.62 -1.86
C ARG B 62 15.47 7.11 -3.02
N ARG B 63 14.17 7.21 -2.78
CA ARG B 63 13.23 7.82 -3.72
C ARG B 63 12.76 9.07 -3.04
N GLU B 64 13.09 10.23 -3.61
CA GLU B 64 12.68 11.49 -3.01
C GLU B 64 11.17 11.70 -3.19
N VAL B 65 10.48 11.94 -2.09
CA VAL B 65 9.04 12.07 -2.08
C VAL B 65 8.71 13.14 -1.04
N GLU B 66 8.07 14.21 -1.51
CA GLU B 66 7.44 15.19 -0.65
C GLU B 66 5.94 15.02 -0.87
N GLU B 67 5.19 14.82 0.20
CA GLU B 67 3.75 14.65 0.11
C GLU B 67 3.07 15.75 0.93
N ASN B 68 2.36 16.65 0.24
CA ASN B 68 1.72 17.79 0.90
C ASN B 68 2.76 18.59 1.71
N GLY B 69 3.97 18.66 1.16
CA GLY B 69 5.05 19.42 1.80
C GLY B 69 5.94 18.62 2.73
N ILE B 70 5.46 17.45 3.14
CA ILE B 70 6.15 16.60 4.11
C ILE B 70 7.11 15.60 3.44
N VAL B 71 8.37 15.66 3.84
CA VAL B 71 9.39 14.80 3.23
C VAL B 71 9.27 13.37 3.77
N LEU B 72 8.97 12.43 2.87
CA LEU B 72 8.76 11.04 3.26
C LEU B 72 9.86 10.11 2.77
N ASP B 73 10.60 10.56 1.76
CA ASP B 73 11.73 9.85 1.16
C ASP B 73 11.91 8.36 1.53
N PRO B 74 11.18 7.45 0.85
CA PRO B 74 11.44 6.03 1.10
C PRO B 74 12.93 5.68 0.92
N LEU B 75 13.45 4.89 1.85
CA LEU B 75 14.83 4.46 1.81
C LEU B 75 14.86 2.94 1.74
N LYS B 76 15.74 2.41 0.90
CA LYS B 76 15.92 0.97 0.81
C LYS B 76 17.41 0.69 0.66
N ALA B 77 17.96 -0.21 1.45
CA ALA B 77 19.37 -0.57 1.32
C ALA B 77 19.55 -2.07 1.27
N THR B 78 20.60 -2.51 0.59
CA THR B 78 20.99 -3.91 0.61
C THR B 78 22.43 -4.02 1.12
N HIS B 79 22.73 -5.13 1.78
CA HIS B 79 24.08 -5.36 2.25
C HIS B 79 24.31 -6.86 2.24
N ALA B 80 25.58 -7.24 2.18
CA ALA B 80 25.96 -8.65 2.23
C ALA B 80 27.12 -8.75 3.21
N VAL B 81 26.88 -9.47 4.30
CA VAL B 81 27.75 -9.43 5.46
C VAL B 81 28.31 -10.81 5.74
N LYS B 82 29.63 -10.95 5.60
CA LYS B 82 30.28 -12.24 5.81
C LYS B 82 30.33 -12.62 7.27
N GLY B 83 30.13 -13.90 7.53
CA GLY B 83 30.46 -14.45 8.83
C GLY B 83 29.37 -14.42 9.87
N VAL B 84 28.18 -14.00 9.46
CA VAL B 84 27.05 -13.92 10.40
C VAL B 84 25.81 -14.51 9.75
N THR B 85 24.86 -15.00 10.55
CA THR B 85 23.59 -15.48 10.00
C THR B 85 22.48 -14.43 10.12
N GLY B 86 21.42 -14.68 9.36
CA GLY B 86 20.27 -13.81 9.43
C GLY B 86 19.67 -13.79 10.82
N HIS B 87 19.65 -14.95 11.49
CA HIS B 87 19.10 -15.02 12.84
C HIS B 87 19.91 -14.11 13.77
N GLU B 88 21.23 -14.18 13.64
CA GLU B 88 22.11 -13.33 14.44
C GLU B 88 21.90 -11.86 14.14
N VAL B 89 21.85 -11.49 12.85
CA VAL B 89 21.71 -10.07 12.48
C VAL B 89 20.37 -9.54 13.04
N CYS B 90 19.30 -10.28 12.84
CA CYS B 90 18.01 -9.83 13.37
C CYS B 90 17.96 -9.75 14.90
N ASN B 91 18.55 -10.75 15.57
CA ASN B 91 18.65 -10.71 17.03
C ASN B 91 19.34 -9.46 17.52
N TYR B 92 20.47 -9.13 16.91
CA TYR B 92 21.20 -7.94 17.34
C TYR B 92 20.46 -6.66 17.00
N PHE B 93 19.70 -6.65 15.90
CA PHE B 93 18.93 -5.46 15.56
C PHE B 93 17.76 -5.25 16.53
N TRP B 94 17.15 -6.36 16.94
CA TRP B 94 15.96 -6.29 17.79
C TRP B 94 16.27 -6.19 19.28
N ASN B 95 17.37 -6.83 19.72
CA ASN B 95 17.67 -6.91 21.15
C ASN B 95 18.00 -5.57 21.79
N VAL B 96 17.11 -5.09 22.64
CA VAL B 96 17.35 -3.79 23.28
C VAL B 96 18.63 -3.71 24.14
N ASP B 97 19.09 -4.85 24.65
CA ASP B 97 20.26 -4.85 25.53
C ASP B 97 21.49 -4.29 24.85
N VAL B 98 21.59 -4.49 23.53
CA VAL B 98 22.75 -4.02 22.78
C VAL B 98 22.49 -2.76 21.93
N ARG B 99 21.27 -2.21 22.02
CA ARG B 99 20.89 -1.07 21.21
C ARG B 99 21.89 0.07 21.28
N ASN B 100 22.25 0.44 22.51
CA ASN B 100 23.09 1.60 22.69
C ASN B 100 24.56 1.37 22.31
N ASP B 101 24.92 0.12 22.01
CA ASP B 101 26.24 -0.17 21.45
C ASP B 101 26.41 0.18 19.97
N TRP B 102 25.32 0.30 19.22
CA TRP B 102 25.42 0.65 17.80
C TRP B 102 24.60 1.87 17.38
N GLU B 103 23.47 2.11 18.04
CA GLU B 103 22.59 3.21 17.64
C GLU B 103 23.21 4.55 18.05
N THR B 104 23.23 5.51 17.13
CA THR B 104 23.84 6.82 17.44
C THR B 104 22.89 8.00 17.25
N THR B 105 21.62 7.75 16.90
CA THR B 105 20.72 8.86 16.56
C THR B 105 19.74 9.20 17.69
N ILE B 106 19.88 8.54 18.85
CA ILE B 106 18.92 8.74 19.95
C ILE B 106 19.49 9.45 21.16
N GLU B 107 18.62 10.14 21.87
CA GLU B 107 18.97 10.69 23.17
C GLU B 107 18.74 9.62 24.24
N ASN B 108 17.62 8.91 24.15
CA ASN B 108 17.30 7.83 25.08
C ASN B 108 16.14 7.01 24.58
N PHE B 109 16.07 5.75 25.01
CA PHE B 109 14.89 4.92 24.74
C PHE B 109 14.54 4.10 25.98
N HIS B 110 13.31 3.61 26.02
CA HIS B 110 12.97 2.56 26.98
C HIS B 110 11.87 1.69 26.44
N VAL B 111 11.70 0.53 27.05
CA VAL B 111 10.65 -0.39 26.69
C VAL B 111 9.39 -0.01 27.47
N VAL B 112 8.34 0.33 26.74
CA VAL B 112 7.06 0.70 27.32
C VAL B 112 6.31 -0.54 27.78
N GLU B 113 6.31 -1.58 26.95
CA GLU B 113 5.53 -2.78 27.21
C GLU B 113 6.19 -3.96 26.52
N THR B 114 6.19 -5.11 27.19
CA THR B 114 6.58 -6.37 26.55
C THR B 114 5.29 -7.10 26.20
N LEU B 115 5.07 -7.34 24.90
CA LEU B 115 3.84 -8.00 24.45
C LEU B 115 4.00 -9.51 24.44
N ALA B 116 5.20 -9.97 24.10
CA ALA B 116 5.50 -11.40 23.96
C ALA B 116 7.01 -11.54 23.92
N ASP B 117 7.51 -12.78 23.85
CA ASP B 117 8.93 -13.06 23.82
C ASP B 117 9.60 -12.44 22.57
N ASN B 118 8.80 -12.07 21.58
CA ASN B 118 9.34 -11.54 20.33
C ASN B 118 8.79 -10.18 19.95
N ALA B 119 8.06 -9.53 20.85
CA ALA B 119 7.39 -8.29 20.49
C ALA B 119 7.36 -7.34 21.67
N ILE B 120 7.86 -6.12 21.45
CA ILE B 120 7.89 -5.10 22.49
C ILE B 120 7.43 -3.76 21.93
N ILE B 121 7.11 -2.82 22.81
CA ILE B 121 6.82 -1.45 22.39
C ILE B 121 7.89 -0.57 23.00
N ILE B 122 8.51 0.24 22.16
CA ILE B 122 9.63 1.08 22.56
C ILE B 122 9.29 2.55 22.35
N TYR B 123 9.67 3.36 23.33
CA TYR B 123 9.61 4.81 23.18
C TYR B 123 11.04 5.34 23.09
N GLN B 124 11.30 6.26 22.18
CA GLN B 124 12.64 6.89 22.11
C GLN B 124 12.56 8.33 21.69
N THR B 125 13.52 9.10 22.19
CA THR B 125 13.71 10.46 21.73
C THR B 125 14.93 10.49 20.86
N HIS B 126 14.84 11.21 19.74
CA HIS B 126 16.00 11.37 18.88
C HIS B 126 16.78 12.63 19.18
N LYS B 127 18.05 12.64 18.79
CA LYS B 127 18.83 13.86 18.87
C LYS B 127 18.16 14.96 18.03
N ARG B 128 18.09 16.17 18.58
CA ARG B 128 17.49 17.28 17.87
C ARG B 128 18.40 17.71 16.71
N VAL B 129 17.77 17.93 15.56
CA VAL B 129 18.46 18.45 14.37
C VAL B 129 17.88 19.83 14.09
N TRP B 130 18.69 20.85 14.33
CA TRP B 130 18.31 22.24 14.06
C TRP B 130 17.97 22.40 12.56
N PRO B 131 16.96 23.24 12.23
CA PRO B 131 16.10 24.06 13.08
C PRO B 131 14.77 23.43 13.51
N ALA B 132 14.59 22.16 13.19
CA ALA B 132 13.32 21.48 13.50
C ALA B 132 13.21 21.14 14.98
N SER B 133 11.97 20.95 15.45
CA SER B 133 11.77 20.45 16.81
C SER B 133 12.33 19.03 16.96
N GLN B 134 12.70 18.68 18.18
CA GLN B 134 13.13 17.33 18.48
C GLN B 134 12.01 16.34 18.15
N ARG B 135 12.38 15.16 17.64
CA ARG B 135 11.42 14.11 17.35
C ARG B 135 11.45 13.02 18.40
N ASP B 136 10.28 12.47 18.68
CA ASP B 136 10.21 11.22 19.42
C ASP B 136 9.41 10.21 18.62
N VAL B 137 9.46 8.95 19.03
CA VAL B 137 8.83 7.89 18.25
C VAL B 137 8.43 6.78 19.21
N LEU B 138 7.29 6.16 18.90
CA LEU B 138 6.68 5.13 19.75
C LEU B 138 6.31 3.98 18.81
N TYR B 139 7.02 2.86 18.95
CA TYR B 139 6.83 1.79 17.96
C TYR B 139 6.83 0.42 18.56
N LEU B 140 6.11 -0.47 17.89
CA LEU B 140 6.16 -1.87 18.20
C LEU B 140 7.32 -2.43 17.38
N SER B 141 8.12 -3.27 18.05
CA SER B 141 9.26 -3.90 17.43
C SER B 141 9.10 -5.40 17.59
N VAL B 142 9.02 -6.11 16.45
CA VAL B 142 8.75 -7.54 16.49
C VAL B 142 9.80 -8.29 15.65
N ILE B 143 10.25 -9.43 16.15
CA ILE B 143 11.18 -10.27 15.38
C ILE B 143 10.50 -11.59 15.02
N ARG B 144 10.57 -11.98 13.74
CA ARG B 144 9.84 -13.15 13.25
C ARG B 144 10.71 -14.02 12.35
N LYS B 145 10.59 -15.34 12.51
CA LYS B 145 11.18 -16.28 11.57
C LYS B 145 10.15 -16.65 10.53
N ILE B 146 10.49 -16.52 9.25
CA ILE B 146 9.62 -16.93 8.17
C ILE B 146 10.18 -18.22 7.61
N PRO B 147 9.52 -19.36 7.90
CA PRO B 147 10.04 -20.62 7.37
C PRO B 147 9.98 -20.65 5.86
N ALA B 148 10.90 -21.43 5.26
CA ALA B 148 10.85 -21.76 3.85
C ALA B 148 9.80 -22.87 3.67
N LEU B 149 9.61 -23.35 2.44
CA LEU B 149 8.65 -24.44 2.16
C LEU B 149 8.92 -25.69 2.98
N THR B 150 10.16 -26.17 2.97
CA THR B 150 10.60 -27.20 3.91
C THR B 150 11.92 -26.75 4.49
N GLU B 151 12.40 -27.49 5.48
CA GLU B 151 13.63 -27.15 6.16
C GLU B 151 14.88 -27.48 5.34
N ASN B 152 14.72 -27.93 4.11
CA ASN B 152 15.87 -28.09 3.20
C ASN B 152 16.43 -26.74 2.67
N ASP B 153 15.58 -25.71 2.71
CA ASP B 153 15.98 -24.34 2.35
C ASP B 153 16.04 -23.49 3.62
N PRO B 154 16.86 -22.43 3.59
CA PRO B 154 16.97 -21.59 4.79
C PRO B 154 15.76 -20.67 5.02
N GLU B 155 15.41 -20.50 6.28
CA GLU B 155 14.37 -19.55 6.66
C GLU B 155 14.84 -18.11 6.50
N THR B 156 13.87 -17.19 6.49
CA THR B 156 14.18 -15.76 6.45
C THR B 156 13.82 -15.20 7.83
N TRP B 157 14.59 -14.23 8.29
CA TRP B 157 14.26 -13.52 9.51
C TRP B 157 13.89 -12.10 9.19
N ILE B 158 12.96 -11.57 9.96
CA ILE B 158 12.55 -10.17 9.77
C ILE B 158 12.34 -9.47 11.11
N VAL B 159 12.80 -8.22 11.23
CA VAL B 159 12.43 -7.38 12.34
C VAL B 159 11.62 -6.25 11.74
N CYS B 160 10.45 -5.98 12.31
CA CYS B 160 9.64 -4.85 11.84
C CYS B 160 9.45 -3.93 12.99
N ASN B 161 9.70 -2.66 12.74
CA ASN B 161 9.46 -1.59 13.72
C ASN B 161 8.40 -0.64 13.17
N PHE B 162 7.22 -0.58 13.77
CA PHE B 162 6.21 0.34 13.23
C PHE B 162 5.49 1.10 14.32
N SER B 163 5.15 2.36 14.04
CA SER B 163 4.54 3.21 15.05
C SER B 163 3.21 2.68 15.53
N VAL B 164 2.96 2.80 16.83
CA VAL B 164 1.67 2.44 17.42
C VAL B 164 1.35 3.48 18.49
N ASP B 165 0.10 3.45 19.00
CA ASP B 165 -0.26 4.32 20.13
C ASP B 165 -0.17 3.56 21.45
N HIS B 166 0.20 4.27 22.52
CA HIS B 166 0.18 3.69 23.87
C HIS B 166 -0.10 4.77 24.89
N ASP B 167 -1.06 4.53 25.79
CA ASP B 167 -1.46 5.50 26.82
C ASP B 167 -0.36 5.95 27.75
N SER B 168 0.67 5.11 27.93
CA SER B 168 1.81 5.43 28.79
C SER B 168 2.83 6.34 28.11
N ALA B 169 2.64 6.57 26.80
CA ALA B 169 3.48 7.47 26.05
C ALA B 169 2.63 8.37 25.14
N PRO B 170 1.88 9.30 25.75
CA PRO B 170 1.04 10.19 24.98
C PRO B 170 1.91 11.17 24.22
N LEU B 171 1.31 11.91 23.29
CA LEU B 171 1.98 13.05 22.68
C LEU B 171 2.36 14.02 23.78
N ASN B 172 3.48 14.70 23.58
CA ASN B 172 3.89 15.76 24.48
C ASN B 172 4.20 17.03 23.72
N ASN B 173 4.24 18.14 24.45
CA ASN B 173 4.34 19.46 23.85
C ASN B 173 5.72 19.80 23.32
N ARG B 174 6.74 19.08 23.78
CA ARG B 174 8.12 19.42 23.45
C ARG B 174 8.68 18.69 22.21
N CYS B 175 8.18 17.48 21.95
CA CYS B 175 8.61 16.70 20.77
C CYS B 175 7.52 16.58 19.73
N VAL B 176 7.95 16.45 18.48
CA VAL B 176 7.04 16.09 17.41
C VAL B 176 7.14 14.57 17.26
N ARG B 177 5.98 13.91 17.20
CA ARG B 177 5.94 12.45 17.15
C ARG B 177 6.09 12.01 15.69
N ALA B 178 7.25 11.45 15.35
CA ALA B 178 7.42 10.89 14.02
C ALA B 178 6.60 9.60 13.92
N LYS B 179 6.34 9.14 12.69
CA LYS B 179 5.63 7.89 12.46
C LYS B 179 6.50 7.05 11.54
N ILE B 180 6.81 5.81 11.93
CA ILE B 180 7.77 5.00 11.16
C ILE B 180 7.25 3.64 10.76
N ASN B 181 7.82 3.15 9.67
CA ASN B 181 7.66 1.76 9.31
C ASN B 181 8.99 1.34 8.74
N VAL B 182 9.72 0.55 9.51
CA VAL B 182 11.06 0.13 9.18
C VAL B 182 11.12 -1.39 9.26
N ALA B 183 11.86 -2.02 8.35
CA ALA B 183 12.05 -3.47 8.45
C ALA B 183 13.46 -3.84 8.07
N MET B 184 14.01 -4.86 8.72
CA MET B 184 15.28 -5.43 8.30
C MET B 184 14.98 -6.90 8.01
N ILE B 185 15.28 -7.32 6.78
CA ILE B 185 14.98 -8.68 6.33
C ILE B 185 16.26 -9.38 5.96
N CYS B 186 16.50 -10.55 6.54
CA CYS B 186 17.80 -11.17 6.42
C CYS B 186 17.72 -12.58 5.91
N GLN B 187 18.44 -12.84 4.83
CA GLN B 187 18.52 -14.18 4.23
C GLN B 187 19.91 -14.71 4.53
N THR B 188 20.04 -16.04 4.64
CA THR B 188 21.32 -16.63 5.01
C THR B 188 21.78 -17.60 3.94
N LEU B 189 23.05 -17.46 3.54
CA LEU B 189 23.68 -18.36 2.56
C LEU B 189 24.83 -19.10 3.21
N VAL B 190 24.76 -20.43 3.17
CA VAL B 190 25.82 -21.26 3.73
C VAL B 190 26.47 -22.01 2.58
N SER B 191 27.76 -21.75 2.35
CA SER B 191 28.50 -22.48 1.34
C SER B 191 29.00 -23.80 1.95
N PRO B 192 28.52 -24.93 1.41
CA PRO B 192 28.93 -26.23 1.95
C PRO B 192 30.44 -26.48 1.76
N PRO B 193 31.19 -26.63 2.87
CA PRO B 193 32.64 -26.88 2.81
C PRO B 193 32.97 -28.29 2.34
N GLN B 197 32.71 -32.13 8.39
CA GLN B 197 33.32 -30.94 8.96
C GLN B 197 32.29 -29.99 9.54
N GLU B 198 32.68 -29.31 10.62
CA GLU B 198 31.91 -28.24 11.23
C GLU B 198 31.81 -27.04 10.27
N ILE B 199 30.67 -26.37 10.26
CA ILE B 199 30.51 -25.16 9.45
C ILE B 199 31.27 -24.01 10.11
N SER B 200 32.08 -23.31 9.32
CA SER B 200 32.83 -22.17 9.79
C SER B 200 32.14 -20.87 9.38
N ARG B 201 32.31 -19.82 10.18
CA ARG B 201 31.82 -18.49 9.79
C ARG B 201 32.35 -18.01 8.45
N ASP B 202 33.51 -18.53 8.05
CA ASP B 202 34.02 -18.29 6.70
C ASP B 202 33.12 -18.86 5.60
N ASN B 203 32.21 -19.76 5.96
CA ASN B 203 31.30 -20.36 4.99
C ASN B 203 29.91 -19.73 4.95
N ILE B 204 29.71 -18.65 5.71
CA ILE B 204 28.36 -18.07 5.84
C ILE B 204 28.31 -16.59 5.41
N LEU B 205 27.17 -16.23 4.82
CA LEU B 205 26.92 -14.88 4.30
C LEU B 205 25.48 -14.52 4.64
N CYS B 206 25.29 -13.31 5.16
CA CYS B 206 23.95 -12.82 5.40
C CYS B 206 23.64 -11.73 4.39
N LYS B 207 22.53 -11.89 3.67
CA LYS B 207 22.05 -10.87 2.76
C LYS B 207 20.95 -10.08 3.45
N ILE B 208 21.15 -8.78 3.55
CA ILE B 208 20.26 -7.92 4.30
C ILE B 208 19.51 -6.97 3.36
N THR B 209 18.20 -6.86 3.56
CA THR B 209 17.41 -5.81 2.93
C THR B 209 16.84 -4.97 4.08
N TYR B 210 17.09 -3.67 4.03
CA TYR B 210 16.63 -2.75 5.05
C TYR B 210 15.75 -1.70 4.37
N VAL B 211 14.55 -1.49 4.88
CA VAL B 211 13.71 -0.44 4.34
C VAL B 211 13.28 0.48 5.48
N ALA B 212 13.21 1.78 5.19
CA ALA B 212 12.79 2.75 6.19
C ALA B 212 11.85 3.75 5.56
N ASN B 213 10.63 3.77 6.03
CA ASN B 213 9.64 4.74 5.58
C ASN B 213 9.29 5.58 6.79
N VAL B 214 9.88 6.76 6.85
CA VAL B 214 9.80 7.63 8.01
C VAL B 214 8.98 8.87 7.66
N ASN B 215 7.92 9.09 8.41
CA ASN B 215 7.20 10.36 8.35
C ASN B 215 7.67 11.21 9.52
N PRO B 216 8.28 12.37 9.23
CA PRO B 216 8.79 13.17 10.33
C PRO B 216 7.72 13.73 11.28
N GLY B 217 6.44 13.59 10.95
CA GLY B 217 5.35 13.94 11.88
C GLY B 217 4.93 15.39 11.77
N GLY B 218 5.54 16.09 10.82
CA GLY B 218 5.26 17.49 10.61
C GLY B 218 6.31 18.02 9.65
N TRP B 219 6.16 19.28 9.26
CA TRP B 219 7.12 19.91 8.37
C TRP B 219 8.56 19.87 8.92
N ALA B 220 9.51 19.59 8.02
CA ALA B 220 10.93 19.72 8.31
C ALA B 220 11.59 20.21 7.03
N PRO B 221 12.60 21.09 7.15
CA PRO B 221 13.21 21.57 5.91
C PRO B 221 13.88 20.44 5.13
N ALA B 222 13.54 20.34 3.86
CA ALA B 222 13.94 19.19 3.05
C ALA B 222 15.43 19.05 2.91
N SER B 223 16.13 20.15 2.67
CA SER B 223 17.56 20.06 2.41
C SER B 223 18.29 19.54 3.65
N VAL B 224 17.84 19.99 4.82
CA VAL B 224 18.47 19.59 6.09
C VAL B 224 18.22 18.08 6.34
N LEU B 225 16.96 17.67 6.25
CA LEU B 225 16.59 16.28 6.48
C LEU B 225 17.26 15.34 5.49
N ARG B 226 17.32 15.70 4.22
CA ARG B 226 17.93 14.84 3.20
C ARG B 226 19.43 14.67 3.40
N ALA B 227 20.11 15.72 3.84
CA ALA B 227 21.55 15.61 4.10
C ALA B 227 21.83 14.71 5.31
N VAL B 228 21.00 14.85 6.35
CA VAL B 228 21.13 14.03 7.55
C VAL B 228 20.89 12.56 7.21
N ALA B 229 19.83 12.28 6.46
CA ALA B 229 19.51 10.90 6.06
C ALA B 229 20.63 10.29 5.23
N LYS B 230 21.18 11.07 4.29
CA LYS B 230 22.24 10.55 3.41
C LYS B 230 23.48 10.22 4.23
N ARG B 231 23.67 10.94 5.33
CA ARG B 231 24.83 10.69 6.19
C ARG B 231 24.55 9.53 7.17
N GLU B 232 23.38 9.57 7.80
CA GLU B 232 23.10 8.65 8.92
C GLU B 232 22.72 7.22 8.53
N TYR B 233 22.05 7.02 7.41
CA TYR B 233 21.66 5.64 7.06
C TYR B 233 22.89 4.76 6.73
N PRO B 234 23.81 5.22 5.86
CA PRO B 234 25.00 4.39 5.60
C PRO B 234 25.87 4.25 6.84
N LYS B 235 25.98 5.31 7.64
CA LYS B 235 26.75 5.23 8.89
C LYS B 235 26.19 4.13 9.80
N PHE B 236 24.86 4.04 9.88
CA PHE B 236 24.21 3.04 10.71
C PHE B 236 24.48 1.65 10.17
N LEU B 237 24.30 1.47 8.87
CA LEU B 237 24.44 0.14 8.29
C LEU B 237 25.84 -0.42 8.50
N LYS B 238 26.84 0.44 8.36
CA LYS B 238 28.23 0.03 8.52
C LYS B 238 28.54 -0.27 9.97
N ARG B 239 28.14 0.63 10.86
CA ARG B 239 28.41 0.45 12.28
C ARG B 239 27.68 -0.77 12.84
N PHE B 240 26.42 -0.92 12.44
CA PHE B 240 25.62 -2.00 12.97
C PHE B 240 26.14 -3.36 12.47
N THR B 241 26.39 -3.49 11.16
CA THR B 241 26.83 -4.79 10.62
C THR B 241 28.23 -5.17 11.13
N SER B 242 29.13 -4.19 11.24
CA SER B 242 30.45 -4.41 11.86
C SER B 242 30.33 -4.86 13.31
N TYR B 243 29.40 -4.27 14.04
CA TYR B 243 29.18 -4.64 15.42
C TYR B 243 28.76 -6.10 15.52
N VAL B 244 27.81 -6.55 14.68
CA VAL B 244 27.37 -7.94 14.76
C VAL B 244 28.55 -8.86 14.44
N GLN B 245 29.36 -8.47 13.45
CA GLN B 245 30.54 -9.25 13.05
C GLN B 245 31.53 -9.35 14.19
N GLU B 246 31.75 -8.23 14.89
CA GLU B 246 32.71 -8.19 15.98
C GLU B 246 32.25 -9.05 17.15
N LYS B 247 30.96 -8.99 17.46
CA LYS B 247 30.45 -9.62 18.67
C LYS B 247 30.22 -11.12 18.54
N THR B 248 30.01 -11.59 17.30
CA THR B 248 29.77 -13.01 17.04
C THR B 248 31.05 -13.78 16.76
N ALA B 249 32.13 -13.05 16.44
CA ALA B 249 33.40 -13.67 16.10
C ALA B 249 33.86 -14.62 17.20
N GLY B 250 34.17 -15.86 16.82
CA GLY B 250 34.62 -16.89 17.77
C GLY B 250 33.58 -17.41 18.74
N LYS B 251 32.30 -17.10 18.50
CA LYS B 251 31.19 -17.62 19.30
C LYS B 251 30.44 -18.65 18.45
N PRO B 252 29.82 -19.67 19.08
CA PRO B 252 29.08 -20.64 18.28
C PRO B 252 28.07 -19.95 17.37
N ILE B 253 27.82 -20.54 16.20
CA ILE B 253 26.91 -19.94 15.22
C ILE B 253 25.47 -20.23 15.57
N LEU B 254 24.67 -19.17 15.64
CA LEU B 254 23.25 -19.30 15.86
C LEU B 254 22.57 -19.21 14.51
N PHE B 255 22.07 -20.35 14.04
CA PHE B 255 21.37 -20.39 12.77
C PHE B 255 19.90 -20.09 13.00
O19 16C C . -14.48 4.39 -13.09
C19 16C C . -15.00 4.94 -14.06
N2 16C C . -14.98 4.42 -15.30
C2 16C C . -14.23 3.23 -15.71
C1 16C C . -14.57 2.89 -17.17
O1 16C C . -14.11 3.88 -18.10
C3 16C C . -12.72 3.32 -15.45
C4 16C C . -12.24 4.75 -15.63
C5 16C C . -11.50 5.44 -14.75
C6 16C C . -11.13 6.88 -15.07
C7 16C C . -9.63 7.07 -15.32
C8 16C C . -9.24 8.54 -15.33
C9 16C C . -7.99 8.79 -16.17
C10 16C C . -7.52 10.25 -16.10
C11 16C C . -8.10 11.10 -17.23
C12 16C C . -9.37 11.85 -16.77
C13 16C C . -9.76 12.97 -17.73
C14 16C C . -11.28 13.06 -17.86
C15 16C C . -11.74 14.49 -18.10
C16 16C C . -13.25 14.56 -18.32
C17 16C C . -13.73 16.00 -18.43
C18 16C C . -14.94 16.10 -19.33
O3 16C C . -12.48 2.81 -14.13
C20 16C C . -15.69 6.29 -13.94
C21 16C C . -14.63 7.36 -13.66
C22 16C C . -15.11 8.82 -13.67
C23 16C C . -13.91 9.70 -13.99
C24 16C C . -13.84 10.95 -13.13
C25 16C C . -12.90 11.98 -13.74
C26 16C C . -11.49 11.88 -13.17
C27 16C C . -10.90 13.26 -12.95
C28 16C C . -9.45 13.17 -12.46
C29 16C C . -8.65 14.41 -12.86
C30 16C C . -7.72 14.10 -14.03
C31 16C C . -7.81 15.20 -15.10
C32 16C C . -6.95 14.88 -16.31
C33 16C C . -5.71 15.76 -16.38
C34 16C C . -6.00 17.07 -17.11
O19 16C D . 16.37 1.48 12.06
C19 16C D . 17.20 2.00 12.81
N2 16C D . 17.10 1.99 14.15
C2 16C D . 15.93 1.50 14.86
C1 16C D . 16.21 1.48 16.36
O1 16C D . 16.46 2.81 16.87
C3 16C D . 14.62 2.20 14.50
C4 16C D . 14.85 3.69 14.19
C5 16C D . 14.40 4.23 13.05
C6 16C D . 14.64 5.69 12.68
C7 16C D . 13.58 6.59 13.32
C8 16C D . 13.78 8.04 12.93
C9 16C D . 12.63 8.90 13.46
C10 16C D . 13.02 10.36 13.55
C11 16C D . 13.04 11.01 12.17
C12 16C D . 12.56 12.46 12.20
C13 16C D . 13.52 13.35 11.43
C14 16C D . 13.39 14.79 11.88
C15 16C D . 14.76 15.47 11.85
C16 16C D . 14.59 16.98 11.64
C17 16C D . 15.00 17.35 10.22
C18 16C D . 15.48 18.79 10.17
O3 16C D . 14.03 1.48 13.39
C20 16C D . 18.41 2.74 12.29
C21 16C D . 18.04 4.17 11.92
C22 16C D . 19.30 4.93 11.49
C23 16C D . 19.08 6.17 10.63
C24 16C D . 18.08 7.17 11.20
C25 16C D . 18.31 8.54 10.57
C26 16C D . 17.07 9.00 9.84
C27 16C D . 17.12 10.48 9.45
C28 16C D . 16.46 11.33 10.53
C29 16C D . 17.46 11.72 11.62
C30 16C D . 16.82 12.16 12.94
C31 16C D . 17.84 12.13 14.08
C32 16C D . 19.23 12.60 13.63
C33 16C D . 20.29 12.38 14.69
C34 16C D . 21.63 13.00 14.30
#